data_5UT5
#
_entry.id   5UT5
#
_cell.length_a   44.440
_cell.length_b   57.381
_cell.length_c   60.556
_cell.angle_alpha   90.00
_cell.angle_beta   110.03
_cell.angle_gamma   90.00
#
_symmetry.space_group_name_H-M   'P 1 21 1'
#
loop_
_entity.id
_entity.type
_entity.pdbx_description
1 polymer 'Tyrosine-protein kinase JAK2'
2 non-polymer GLYCEROL
3 non-polymer N-(5-{4-[(1,1-dioxidothiomorpholin-4-yl)methyl]phenyl}[1,2,4]triazolo[1,5-a]pyridin-2-yl)cyclopropanecarboxamide
4 non-polymer 'ACETATE ION'
5 non-polymer 'DIMETHYL SULFOXIDE'
6 water water
#
_entity_poly.entity_id   1
_entity_poly.type   'polypeptide(L)'
_entity_poly.pdbx_seq_one_letter_code
;VFHKIRNEDLIFNESLGQGTFTKIFKGVRREVGDYGQLHETEVLLKVLDKAHRNYSESFFEAASMMSKLSHKHLVLNYGV
CVCGDENILVQEFVKFGSLDTYLKKNKNCINILWKLEVAKQLAAAMHFLEENTLIHGNVCAKNILLIREEDRKTGNPPFI
KLSDPGISITVLPKDILQERIPWVPPECIENPKNLNLATDKWSFGTTLWEICSGGDKPLSALDSQRKLQFYEDRHQLPAP
KAAELANLINNCMDYEPDHRPSFRAIIRDLNSLFTPDLVPRGSHHHHHH
;
_entity_poly.pdbx_strand_id   A
#
loop_
_chem_comp.id
_chem_comp.type
_chem_comp.name
_chem_comp.formula
2HB non-polymer N-(5-{4-[(1,1-dioxidothiomorpholin-4-yl)methyl]phenyl}[1,2,4]triazolo[1,5-a]pyridin-2-yl)cyclopropanecarboxamide 'C21 H23 N5 O3 S'
ACT non-polymer 'ACETATE ION' 'C2 H3 O2 -1'
DMS non-polymer 'DIMETHYL SULFOXIDE' 'C2 H6 O S'
GOL non-polymer GLYCEROL 'C3 H8 O3'
#
# COMPACT_ATOMS: atom_id res chain seq x y z
N PHE A 2 -15.17 14.89 0.67
CA PHE A 2 -14.98 14.34 -0.66
C PHE A 2 -15.81 15.07 -1.71
N HIS A 3 -15.23 15.26 -2.89
CA HIS A 3 -16.00 15.74 -4.03
C HIS A 3 -16.93 14.65 -4.52
N LYS A 4 -18.16 15.02 -4.84
CA LYS A 4 -19.15 14.05 -5.30
C LYS A 4 -19.16 13.99 -6.83
N ILE A 5 -18.98 12.80 -7.37
CA ILE A 5 -18.96 12.58 -8.81
C ILE A 5 -20.23 11.83 -9.19
N ARG A 6 -20.87 12.27 -10.28
CA ARG A 6 -22.10 11.65 -10.75
C ARG A 6 -21.83 10.27 -11.34
N ASN A 7 -22.73 9.32 -11.03
CA ASN A 7 -22.64 8.00 -11.65
C ASN A 7 -22.62 8.09 -13.17
N GLU A 8 -23.42 9.00 -13.74
CA GLU A 8 -23.50 9.10 -15.20
C GLU A 8 -22.18 9.57 -15.82
N ASP A 9 -21.31 10.18 -15.03
CA ASP A 9 -20.01 10.64 -15.53
C ASP A 9 -18.93 9.59 -15.43
N LEU A 10 -19.26 8.39 -14.92
CA LEU A 10 -18.28 7.33 -14.73
C LEU A 10 -18.61 6.16 -15.64
N ILE A 11 -17.58 5.58 -16.26
CA ILE A 11 -17.73 4.40 -17.10
C ILE A 11 -16.82 3.34 -16.51
N PHE A 12 -17.40 2.18 -16.18
CA PHE A 12 -16.62 1.07 -15.65
C PHE A 12 -16.07 0.24 -16.80
N ASN A 13 -14.76 0.00 -16.77
CA ASN A 13 -14.17 -0.90 -17.74
C ASN A 13 -13.56 -2.09 -17.01
N GLU A 14 -12.35 -2.50 -17.40
CA GLU A 14 -11.88 -3.84 -17.02
C GLU A 14 -11.62 -3.98 -15.52
N SER A 15 -11.85 -5.20 -15.03
CA SER A 15 -11.53 -5.55 -13.66
C SER A 15 -10.03 -5.55 -13.45
N LEU A 16 -9.61 -4.98 -12.33
CA LEU A 16 -8.24 -5.06 -11.86
C LEU A 16 -8.09 -5.95 -10.62
N GLY A 17 -9.08 -6.77 -10.34
CA GLY A 17 -9.01 -7.67 -9.21
C GLY A 17 -9.87 -7.21 -8.05
N GLN A 18 -9.53 -7.73 -6.88
CA GLN A 18 -10.35 -7.45 -5.71
C GLN A 18 -9.46 -7.18 -4.52
N GLY A 19 -9.96 -6.33 -3.62
CA GLY A 19 -9.37 -6.13 -2.32
C GLY A 19 -10.27 -6.70 -1.25
N THR A 20 -9.98 -6.32 -0.01
CA THR A 20 -10.77 -6.82 1.10
C THR A 20 -12.14 -6.16 1.08
N PHE A 21 -13.17 -6.94 0.72
CA PHE A 21 -14.56 -6.50 0.64
C PHE A 21 -14.79 -5.51 -0.49
N THR A 22 -13.90 -5.48 -1.49
CA THR A 22 -13.99 -4.51 -2.57
C THR A 22 -13.68 -5.19 -3.90
N LYS A 23 -14.16 -4.56 -4.97
CA LYS A 23 -13.80 -4.91 -6.33
C LYS A 23 -13.23 -3.66 -7.00
N ILE A 24 -12.23 -3.83 -7.84
CA ILE A 24 -11.48 -2.71 -8.38
C ILE A 24 -11.50 -2.77 -9.90
N PHE A 25 -11.68 -1.60 -10.55
CA PHE A 25 -11.83 -1.52 -12.00
C PHE A 25 -11.06 -0.33 -12.55
N LYS A 26 -10.57 -0.46 -13.78
CA LYS A 26 -10.20 0.73 -14.54
C LYS A 26 -11.48 1.36 -15.08
N GLY A 27 -11.51 2.69 -15.12
CA GLY A 27 -12.68 3.34 -15.63
C GLY A 27 -12.33 4.66 -16.28
N VAL A 28 -13.37 5.38 -16.66
CA VAL A 28 -13.23 6.70 -17.27
C VAL A 28 -14.17 7.66 -16.57
N ARG A 29 -13.68 8.86 -16.26
CA ARG A 29 -14.48 9.92 -15.68
C ARG A 29 -14.58 11.05 -16.70
N ARG A 30 -15.81 11.36 -17.12
CA ARG A 30 -16.04 12.55 -17.92
C ARG A 30 -16.07 13.76 -17.02
N GLU A 31 -15.32 14.80 -17.35
CA GLU A 31 -15.24 15.94 -16.46
C GLU A 31 -14.91 17.20 -17.23
N VAL A 32 -15.30 18.34 -16.65
CA VAL A 32 -14.84 19.64 -17.11
C VAL A 32 -13.55 19.94 -16.36
N GLY A 33 -12.45 20.10 -17.09
CA GLY A 33 -11.15 20.36 -16.50
C GLY A 33 -10.74 21.82 -16.62
N ASP A 34 -9.44 22.06 -16.50
CA ASP A 34 -8.91 23.41 -16.54
C ASP A 34 -9.32 24.09 -17.85
N TYR A 35 -9.53 25.40 -17.76
CA TYR A 35 -9.94 26.24 -18.88
C TYR A 35 -11.29 25.82 -19.46
N GLY A 36 -12.05 25.02 -18.71
CA GLY A 36 -13.34 24.55 -19.18
C GLY A 36 -13.28 23.46 -20.21
N GLN A 37 -12.12 22.86 -20.45
CA GLN A 37 -12.01 21.86 -21.49
C GLN A 37 -12.60 20.54 -20.99
N LEU A 38 -13.33 19.87 -21.88
CA LEU A 38 -13.89 18.57 -21.55
C LEU A 38 -12.84 17.48 -21.67
N HIS A 39 -12.82 16.58 -20.69
CA HIS A 39 -11.86 15.49 -20.62
C HIS A 39 -12.56 14.19 -20.31
N GLU A 40 -12.02 13.10 -20.86
CA GLU A 40 -12.41 11.75 -20.48
C GLU A 40 -11.17 11.15 -19.85
N THR A 41 -11.12 11.14 -18.52
CA THR A 41 -9.91 10.86 -17.76
C THR A 41 -9.89 9.42 -17.25
N GLU A 42 -8.76 8.73 -17.43
CA GLU A 42 -8.64 7.38 -16.87
C GLU A 42 -8.64 7.45 -15.35
N VAL A 43 -9.43 6.59 -14.70
CA VAL A 43 -9.54 6.60 -13.25
C VAL A 43 -9.50 5.17 -12.72
N LEU A 44 -9.15 5.07 -11.44
CA LEU A 44 -9.25 3.83 -10.67
C LEU A 44 -10.56 3.89 -9.90
N LEU A 45 -11.43 2.89 -10.09
CA LEU A 45 -12.71 2.84 -9.40
C LEU A 45 -12.66 1.69 -8.40
N LYS A 46 -12.85 2.00 -7.12
CA LYS A 46 -12.89 0.98 -6.07
C LYS A 46 -14.31 0.91 -5.53
N VAL A 47 -14.90 -0.29 -5.54
CA VAL A 47 -16.32 -0.47 -5.23
C VAL A 47 -16.43 -1.35 -4.00
N LEU A 48 -17.08 -0.82 -2.95
CA LEU A 48 -17.39 -1.63 -1.77
C LEU A 48 -18.45 -2.66 -2.10
N ASP A 49 -18.18 -3.94 -1.80
CA ASP A 49 -19.18 -4.98 -1.97
C ASP A 49 -20.48 -4.60 -1.26
N LYS A 50 -21.60 -4.81 -1.95
CA LYS A 50 -22.89 -4.52 -1.34
C LYS A 50 -23.11 -5.33 -0.08
N ALA A 51 -22.71 -6.61 -0.10
CA ALA A 51 -22.87 -7.46 1.08
C ALA A 51 -22.10 -6.90 2.28
N HIS A 52 -21.12 -6.06 2.06
CA HIS A 52 -20.32 -5.48 3.13
C HIS A 52 -20.55 -3.98 3.26
N ARG A 53 -21.74 -3.51 2.85
CA ARG A 53 -22.06 -2.08 2.96
C ARG A 53 -21.88 -1.54 4.38
N ASN A 54 -21.96 -2.40 5.40
CA ASN A 54 -21.81 -1.93 6.77
C ASN A 54 -20.39 -1.44 7.06
N TYR A 55 -19.45 -1.64 6.16
CA TYR A 55 -18.10 -1.11 6.32
C TYR A 55 -17.92 0.25 5.66
N SER A 56 -19.00 0.82 5.11
CA SER A 56 -18.85 2.02 4.28
C SER A 56 -18.07 3.12 5.01
N GLU A 57 -18.42 3.40 6.26
CA GLU A 57 -17.71 4.41 7.04
C GLU A 57 -16.20 4.18 6.98
N SER A 58 -15.76 3.00 7.42
CA SER A 58 -14.33 2.69 7.43
C SER A 58 -13.77 2.77 6.02
N PHE A 59 -14.54 2.29 5.04
CA PHE A 59 -14.10 2.29 3.65
C PHE A 59 -13.74 3.70 3.20
N PHE A 60 -14.57 4.68 3.56
CA PHE A 60 -14.27 6.04 3.10
C PHE A 60 -13.25 6.69 4.01
N GLU A 61 -13.24 6.34 5.30
CA GLU A 61 -12.27 6.93 6.20
C GLU A 61 -10.86 6.63 5.74
N ALA A 62 -10.63 5.38 5.33
CA ALA A 62 -9.33 5.01 4.77
C ALA A 62 -8.94 5.96 3.65
N ALA A 63 -9.84 6.15 2.69
CA ALA A 63 -9.49 7.03 1.58
C ALA A 63 -9.31 8.46 2.06
N SER A 64 -10.11 8.88 3.04
CA SER A 64 -9.99 10.25 3.50
C SER A 64 -8.62 10.49 4.09
N MET A 65 -8.03 9.44 4.69
CA MET A 65 -6.68 9.57 5.22
C MET A 65 -5.74 10.09 4.16
N MET A 66 -5.83 9.53 2.95
CA MET A 66 -4.90 9.89 1.89
C MET A 66 -5.15 11.28 1.37
N SER A 67 -6.34 11.84 1.60
CA SER A 67 -6.65 13.20 1.21
C SER A 67 -6.48 14.19 2.36
N LYS A 68 -6.12 13.70 3.56
CA LYS A 68 -5.82 14.64 4.64
C LYS A 68 -4.63 15.53 4.25
N LEU A 69 -3.68 14.96 3.53
CA LEU A 69 -2.46 15.64 3.14
C LEU A 69 -2.23 15.48 1.64
N SER A 70 -1.36 16.31 1.10
CA SER A 70 -0.98 16.29 -0.31
C SER A 70 0.51 16.02 -0.40
N HIS A 71 0.91 15.06 -1.24
CA HIS A 71 2.33 14.72 -1.34
C HIS A 71 2.58 13.99 -2.66
N LYS A 72 3.78 14.18 -3.23
CA LYS A 72 4.07 13.61 -4.54
C LYS A 72 4.06 12.08 -4.53
N HIS A 73 4.26 11.43 -3.39
CA HIS A 73 4.30 9.98 -3.31
C HIS A 73 2.99 9.37 -2.80
N LEU A 74 1.90 10.12 -2.78
CA LEU A 74 0.61 9.59 -2.35
C LEU A 74 -0.40 9.64 -3.50
N VAL A 75 -1.11 8.54 -3.72
CA VAL A 75 -2.10 8.48 -4.78
C VAL A 75 -3.21 9.49 -4.53
N LEU A 76 -3.66 10.17 -5.59
CA LEU A 76 -4.70 11.18 -5.46
C LEU A 76 -6.09 10.55 -5.42
N ASN A 77 -6.93 11.06 -4.52
CA ASN A 77 -8.36 10.80 -4.57
C ASN A 77 -9.04 11.87 -5.42
N TYR A 78 -9.90 11.46 -6.36
CA TYR A 78 -10.67 12.41 -7.14
C TYR A 78 -12.03 12.69 -6.55
N GLY A 79 -12.69 11.68 -6.00
CA GLY A 79 -13.95 11.91 -5.35
C GLY A 79 -14.62 10.60 -5.00
N VAL A 80 -15.92 10.69 -4.75
CA VAL A 80 -16.72 9.51 -4.44
C VAL A 80 -17.98 9.55 -5.30
N CYS A 81 -18.50 8.36 -5.59
CA CYS A 81 -19.81 8.23 -6.20
C CYS A 81 -20.63 7.35 -5.27
N VAL A 82 -21.65 7.95 -4.67
CA VAL A 82 -22.50 7.21 -3.74
C VAL A 82 -23.92 7.28 -4.26
N CYS A 83 -24.07 7.37 -5.59
CA CYS A 83 -25.39 7.32 -6.21
C CYS A 83 -26.00 5.93 -6.01
N GLY A 84 -27.28 5.90 -5.64
CA GLY A 84 -27.95 4.62 -5.48
C GLY A 84 -27.32 3.77 -4.40
N ASP A 85 -27.29 2.45 -4.66
CA ASP A 85 -26.84 1.45 -3.69
C ASP A 85 -25.35 1.18 -3.77
N GLU A 86 -24.58 2.08 -4.34
CA GLU A 86 -23.14 1.85 -4.54
C GLU A 86 -22.33 2.77 -3.65
N ASN A 87 -21.18 2.26 -3.23
CA ASN A 87 -20.17 3.04 -2.52
C ASN A 87 -18.90 2.96 -3.35
N ILE A 88 -18.56 4.04 -4.04
CA ILE A 88 -17.48 4.03 -5.03
C ILE A 88 -16.48 5.11 -4.68
N LEU A 89 -15.20 4.72 -4.62
CA LEU A 89 -14.08 5.64 -4.54
C LEU A 89 -13.49 5.84 -5.93
N VAL A 90 -13.20 7.09 -6.27
CA VAL A 90 -12.64 7.46 -7.57
C VAL A 90 -11.27 8.04 -7.33
N GLN A 91 -10.25 7.37 -7.87
CA GLN A 91 -8.87 7.68 -7.59
C GLN A 91 -8.05 7.79 -8.86
N GLU A 92 -6.86 8.35 -8.70
CA GLU A 92 -5.92 8.45 -9.80
C GLU A 92 -5.57 7.06 -10.33
N PHE A 93 -5.49 6.93 -11.65
CA PHE A 93 -5.09 5.68 -12.27
C PHE A 93 -3.60 5.73 -12.57
N VAL A 94 -2.83 4.82 -11.97
CA VAL A 94 -1.37 4.79 -12.08
C VAL A 94 -1.00 3.80 -13.19
N LYS A 95 -0.25 4.28 -14.18
CA LYS A 95 -0.09 3.54 -15.43
C LYS A 95 0.38 2.09 -15.24
N PHE A 96 1.41 1.86 -14.43
CA PHE A 96 2.04 0.54 -14.42
C PHE A 96 1.59 -0.35 -13.29
N GLY A 97 0.70 0.13 -12.42
CA GLY A 97 0.05 -0.73 -11.45
C GLY A 97 0.87 -1.14 -10.24
N SER A 98 0.37 -2.19 -9.58
CA SER A 98 0.89 -2.61 -8.28
C SER A 98 2.31 -3.13 -8.40
N LEU A 99 3.13 -2.84 -7.39
CA LEU A 99 4.54 -3.18 -7.48
C LEU A 99 4.80 -4.68 -7.36
N ASP A 100 4.01 -5.42 -6.59
CA ASP A 100 4.32 -6.85 -6.48
C ASP A 100 4.17 -7.55 -7.82
N THR A 101 3.13 -7.20 -8.60
CA THR A 101 2.96 -7.79 -9.92
C THR A 101 4.10 -7.40 -10.84
N TYR A 102 4.49 -6.12 -10.80
CA TYR A 102 5.58 -5.63 -11.62
C TYR A 102 6.88 -6.35 -11.28
N LEU A 103 7.15 -6.54 -9.99
CA LEU A 103 8.34 -7.26 -9.57
C LEU A 103 8.32 -8.70 -10.05
N LYS A 104 7.15 -9.34 -9.97
CA LYS A 104 7.08 -10.74 -10.43
C LYS A 104 7.30 -10.83 -11.94
N LYS A 105 6.82 -9.83 -12.70
CA LYS A 105 6.94 -9.87 -14.15
C LYS A 105 8.32 -9.44 -14.63
N ASN A 106 8.96 -8.51 -13.92
CA ASN A 106 10.23 -7.94 -14.37
C ASN A 106 11.38 -8.27 -13.42
N LYS A 107 11.30 -9.42 -12.74
CA LYS A 107 12.31 -9.75 -11.74
C LYS A 107 13.69 -9.94 -12.37
N ASN A 108 13.75 -10.56 -13.54
CA ASN A 108 15.03 -10.83 -14.19
C ASN A 108 15.74 -9.57 -14.69
N CYS A 109 15.26 -8.35 -14.39
CA CYS A 109 15.98 -7.15 -14.81
C CYS A 109 15.77 -6.00 -13.82
N ILE A 110 15.61 -6.30 -12.55
CA ILE A 110 15.57 -5.31 -11.48
C ILE A 110 16.79 -5.54 -10.59
N ASN A 111 17.64 -4.52 -10.45
CA ASN A 111 18.87 -4.67 -9.70
C ASN A 111 18.77 -3.92 -8.37
N ILE A 112 19.87 -3.88 -7.63
CA ILE A 112 19.85 -3.29 -6.30
C ILE A 112 19.61 -1.78 -6.37
N LEU A 113 20.08 -1.11 -7.42
CA LEU A 113 19.88 0.33 -7.51
C LEU A 113 18.39 0.67 -7.68
N TRP A 114 17.70 -0.06 -8.55
CA TRP A 114 16.26 0.14 -8.71
C TRP A 114 15.54 -0.04 -7.37
N LYS A 115 15.88 -1.11 -6.65
CA LYS A 115 15.24 -1.36 -5.36
C LYS A 115 15.55 -0.26 -4.36
N LEU A 116 16.79 0.24 -4.35
CA LEU A 116 17.15 1.31 -3.42
C LEU A 116 16.35 2.57 -3.72
N GLU A 117 16.18 2.92 -5.00
CA GLU A 117 15.40 4.10 -5.35
C GLU A 117 13.96 3.96 -4.85
N VAL A 118 13.37 2.79 -5.10
CA VAL A 118 11.99 2.59 -4.68
C VAL A 118 11.89 2.61 -3.16
N ALA A 119 12.85 2.00 -2.48
CA ALA A 119 12.83 1.95 -1.02
C ALA A 119 12.95 3.35 -0.43
N LYS A 120 13.83 4.17 -1.01
CA LYS A 120 14.01 5.54 -0.56
C LYS A 120 12.75 6.37 -0.79
N GLN A 121 12.07 6.17 -1.91
CA GLN A 121 10.83 6.90 -2.14
C GLN A 121 9.74 6.47 -1.16
N LEU A 122 9.60 5.16 -0.92
CA LEU A 122 8.63 4.70 0.06
C LEU A 122 8.94 5.25 1.44
N ALA A 123 10.22 5.24 1.81
CA ALA A 123 10.63 5.80 3.09
C ALA A 123 10.33 7.30 3.16
N ALA A 124 10.54 8.02 2.06
CA ALA A 124 10.19 9.45 2.04
C ALA A 124 8.71 9.68 2.31
N ALA A 125 7.86 8.88 1.67
CA ALA A 125 6.42 8.95 1.92
C ALA A 125 6.08 8.66 3.38
N MET A 126 6.65 7.58 3.91
CA MET A 126 6.37 7.22 5.30
C MET A 126 6.92 8.26 6.27
N HIS A 127 8.09 8.84 5.97
CA HIS A 127 8.63 9.92 6.79
C HIS A 127 7.68 11.11 6.81
N PHE A 128 7.12 11.46 5.65
CA PHE A 128 6.10 12.51 5.59
C PHE A 128 4.92 12.18 6.48
N LEU A 129 4.44 10.94 6.43
CA LEU A 129 3.30 10.57 7.28
C LEU A 129 3.67 10.64 8.75
N GLU A 130 4.86 10.13 9.11
CA GLU A 130 5.28 10.13 10.50
C GLU A 130 5.44 11.56 11.03
N GLU A 131 6.02 12.45 10.23
CA GLU A 131 6.12 13.84 10.66
C GLU A 131 4.75 14.44 10.93
N ASN A 132 3.73 13.99 10.19
CA ASN A 132 2.35 14.44 10.37
C ASN A 132 1.56 13.58 11.35
N THR A 133 2.23 12.63 12.01
CA THR A 133 1.61 11.67 12.90
C THR A 133 0.33 11.08 12.29
N LEU A 134 0.45 10.61 11.05
CA LEU A 134 -0.68 10.04 10.31
C LEU A 134 -0.41 8.57 10.02
N ILE A 135 -1.22 7.69 10.59
CA ILE A 135 -1.04 6.26 10.40
C ILE A 135 -1.61 5.85 9.06
N HIS A 136 -0.85 5.04 8.31
CA HIS A 136 -1.37 4.45 7.07
C HIS A 136 -2.09 3.15 7.42
N GLY A 137 -1.34 2.17 7.93
CA GLY A 137 -1.94 0.97 8.46
C GLY A 137 -2.02 -0.22 7.52
N ASN A 138 -1.61 -0.07 6.26
CA ASN A 138 -1.57 -1.22 5.36
C ASN A 138 -0.49 -1.01 4.31
N VAL A 139 0.76 -0.87 4.74
CA VAL A 139 1.87 -0.73 3.82
C VAL A 139 2.22 -2.10 3.28
N CYS A 140 2.19 -2.26 1.96
CA CYS A 140 2.55 -3.53 1.35
C CYS A 140 2.83 -3.29 -0.12
N ALA A 141 3.50 -4.24 -0.77
CA ALA A 141 3.92 -4.02 -2.15
C ALA A 141 2.71 -3.84 -3.07
N LYS A 142 1.62 -4.54 -2.82
CA LYS A 142 0.49 -4.37 -3.72
C LYS A 142 -0.10 -2.96 -3.62
N ASN A 143 0.14 -2.26 -2.51
CA ASN A 143 -0.31 -0.88 -2.36
C ASN A 143 0.76 0.14 -2.77
N ILE A 144 1.83 -0.31 -3.40
CA ILE A 144 2.78 0.58 -4.05
C ILE A 144 2.54 0.52 -5.55
N LEU A 145 2.34 1.67 -6.17
CA LEU A 145 2.01 1.79 -7.57
C LEU A 145 3.13 2.47 -8.33
N LEU A 146 3.44 1.96 -9.51
CA LEU A 146 4.54 2.44 -10.32
C LEU A 146 4.00 3.47 -11.31
N ILE A 147 4.32 4.74 -11.07
CA ILE A 147 3.96 5.82 -11.98
C ILE A 147 4.81 5.79 -13.25
N ARG A 148 6.11 5.56 -13.09
CA ARG A 148 7.08 5.69 -14.17
C ARG A 148 8.11 4.58 -14.05
N GLU A 149 8.43 3.93 -15.17
CA GLU A 149 9.49 2.94 -15.14
C GLU A 149 10.84 3.64 -15.13
N GLU A 150 11.85 2.92 -14.67
CA GLU A 150 13.22 3.39 -14.78
C GLU A 150 13.61 3.46 -16.25
N ASP A 151 14.34 4.52 -16.62
CA ASP A 151 14.83 4.71 -17.98
C ASP A 151 16.31 5.05 -17.87
N ARG A 152 17.17 4.04 -17.92
CA ARG A 152 18.61 4.29 -17.84
C ARG A 152 19.13 5.09 -19.03
N LYS A 153 18.43 5.06 -20.17
CA LYS A 153 18.88 5.84 -21.32
C LYS A 153 18.87 7.34 -21.02
N THR A 154 17.99 7.78 -20.13
CA THR A 154 17.97 9.15 -19.65
C THR A 154 18.30 9.23 -18.16
N GLY A 155 18.82 8.16 -17.57
CA GLY A 155 19.10 8.13 -16.14
C GLY A 155 17.89 8.26 -15.23
N ASN A 156 16.68 8.29 -15.77
CA ASN A 156 15.50 8.55 -14.96
C ASN A 156 15.20 7.39 -14.02
N PRO A 157 15.04 7.63 -12.73
CA PRO A 157 14.70 6.54 -11.82
C PRO A 157 13.24 6.18 -11.93
N PRO A 158 12.84 5.00 -11.47
CA PRO A 158 11.41 4.71 -11.33
C PRO A 158 10.79 5.71 -10.36
N PHE A 159 9.46 5.84 -10.44
CA PHE A 159 8.76 6.73 -9.52
C PHE A 159 7.52 6.00 -9.02
N ILE A 160 7.31 5.99 -7.70
CA ILE A 160 6.19 5.23 -7.14
C ILE A 160 5.29 6.14 -6.30
N LYS A 161 4.08 5.66 -6.05
CA LYS A 161 3.19 6.28 -5.08
C LYS A 161 2.60 5.20 -4.19
N LEU A 162 2.19 5.59 -3.00
CA LEU A 162 1.53 4.70 -2.06
C LEU A 162 0.03 4.92 -2.16
N SER A 163 -0.74 3.83 -2.24
CA SER A 163 -2.19 3.93 -2.37
CA SER A 163 -2.18 3.93 -2.37
C SER A 163 -2.83 3.88 -0.99
N ASP A 164 -4.16 4.08 -0.95
CA ASP A 164 -4.85 4.15 0.33
C ASP A 164 -4.87 2.78 1.03
N PRO A 165 -4.95 2.75 2.36
CA PRO A 165 -4.78 1.49 3.09
C PRO A 165 -5.97 0.53 3.05
N GLY A 166 -7.12 0.97 2.54
CA GLY A 166 -8.35 0.19 2.60
C GLY A 166 -8.93 0.14 4.01
N ILE A 167 -10.05 -0.59 4.12
CA ILE A 167 -10.71 -0.74 5.41
C ILE A 167 -9.69 -1.11 6.48
N SER A 168 -9.77 -0.46 7.64
CA SER A 168 -8.74 -0.52 8.66
C SER A 168 -8.70 -1.87 9.37
N ILE A 169 -7.48 -2.30 9.74
CA ILE A 169 -7.35 -3.53 10.50
C ILE A 169 -8.03 -3.44 11.86
N THR A 170 -8.39 -2.23 12.29
CA THR A 170 -9.08 -2.12 13.57
C THR A 170 -10.52 -2.61 13.51
N VAL A 171 -11.09 -2.76 12.32
CA VAL A 171 -12.48 -3.23 12.22
C VAL A 171 -12.60 -4.54 11.46
N LEU A 172 -11.51 -5.08 10.93
CA LEU A 172 -11.61 -6.27 10.10
C LEU A 172 -11.72 -7.54 10.95
N PRO A 173 -12.37 -8.58 10.42
CA PRO A 173 -12.45 -9.85 11.15
C PRO A 173 -11.07 -10.41 11.44
N LYS A 174 -10.99 -11.21 12.50
CA LYS A 174 -9.70 -11.71 12.97
C LYS A 174 -9.03 -12.60 11.94
N ASP A 175 -9.80 -13.40 11.20
CA ASP A 175 -9.17 -14.33 10.26
C ASP A 175 -8.46 -13.58 9.13
N ILE A 176 -8.98 -12.43 8.73
CA ILE A 176 -8.31 -11.63 7.71
C ILE A 176 -7.02 -11.07 8.25
N LEU A 177 -7.04 -10.57 9.49
CA LEU A 177 -5.82 -10.06 10.10
C LEU A 177 -4.75 -11.14 10.15
N GLN A 178 -5.13 -12.35 10.57
CA GLN A 178 -4.13 -13.42 10.62
C GLN A 178 -3.63 -13.76 9.23
N GLU A 179 -4.50 -13.74 8.23
CA GLU A 179 -4.02 -13.97 6.87
C GLU A 179 -3.05 -12.89 6.41
N ARG A 180 -3.13 -11.71 7.02
CA ARG A 180 -2.24 -10.60 6.70
C ARG A 180 -0.94 -10.59 7.49
N ILE A 181 -0.70 -11.61 8.31
CA ILE A 181 0.66 -11.82 8.83
C ILE A 181 1.56 -12.18 7.66
N PRO A 182 2.81 -11.66 7.56
CA PRO A 182 3.53 -10.78 8.50
C PRO A 182 3.53 -9.29 8.16
N TRP A 183 2.50 -8.81 7.45
CA TRP A 183 2.36 -7.37 7.27
C TRP A 183 1.77 -6.71 8.51
N VAL A 184 0.74 -7.34 9.08
CA VAL A 184 0.13 -6.87 10.34
C VAL A 184 1.09 -7.21 11.46
N PRO A 185 1.52 -6.24 12.27
CA PRO A 185 2.57 -6.51 13.25
C PRO A 185 2.04 -7.29 14.44
N PRO A 186 2.94 -7.92 15.22
CA PRO A 186 2.47 -8.80 16.30
C PRO A 186 1.56 -8.13 17.29
N GLU A 187 1.84 -6.86 17.62
CA GLU A 187 1.03 -6.22 18.65
C GLU A 187 -0.39 -5.97 18.17
N CYS A 188 -0.58 -5.88 16.86
CA CYS A 188 -1.91 -5.68 16.30
C CYS A 188 -2.67 -6.98 16.16
N ILE A 189 -1.96 -8.10 16.06
CA ILE A 189 -2.60 -9.40 16.19
C ILE A 189 -3.07 -9.60 17.62
N GLU A 190 -2.23 -9.25 18.59
CA GLU A 190 -2.65 -9.32 19.99
C GLU A 190 -3.84 -8.40 20.25
N ASN A 191 -3.84 -7.21 19.66
CA ASN A 191 -4.92 -6.25 19.88
C ASN A 191 -4.94 -5.28 18.71
N PRO A 192 -5.89 -5.41 17.77
CA PRO A 192 -5.90 -4.50 16.61
C PRO A 192 -5.99 -3.04 16.97
N LYS A 193 -6.51 -2.71 18.16
CA LYS A 193 -6.51 -1.32 18.61
C LYS A 193 -5.12 -0.79 18.93
N ASN A 194 -4.09 -1.65 18.94
CA ASN A 194 -2.71 -1.20 19.09
C ASN A 194 -2.18 -0.54 17.85
N LEU A 195 -3.03 -0.31 16.83
CA LEU A 195 -2.56 0.33 15.61
C LEU A 195 -1.95 1.68 15.94
N ASN A 196 -0.74 1.92 15.44
CA ASN A 196 -0.02 3.14 15.80
C ASN A 196 1.04 3.42 14.73
N LEU A 197 1.77 4.51 14.91
CA LEU A 197 2.84 4.82 13.97
C LEU A 197 3.82 3.65 13.83
N ALA A 198 4.19 3.01 14.95
CA ALA A 198 5.14 1.89 14.89
C ALA A 198 4.65 0.75 13.97
N THR A 199 3.32 0.61 13.82
CA THR A 199 2.78 -0.39 12.89
C THR A 199 3.39 -0.25 11.50
N ASP A 200 3.44 1.00 11.01
CA ASP A 200 3.89 1.20 9.65
C ASP A 200 5.39 0.93 9.51
N LYS A 201 6.17 1.09 10.58
CA LYS A 201 7.58 0.69 10.49
C LYS A 201 7.71 -0.82 10.30
N TRP A 202 6.91 -1.59 11.04
CA TRP A 202 6.97 -3.04 10.85
C TRP A 202 6.58 -3.44 9.43
N SER A 203 5.42 -2.92 8.96
CA SER A 203 4.95 -3.27 7.62
C SER A 203 5.91 -2.79 6.55
N PHE A 204 6.55 -1.65 6.78
CA PHE A 204 7.59 -1.20 5.86
C PHE A 204 8.68 -2.26 5.73
N GLY A 205 9.09 -2.86 6.85
CA GLY A 205 10.05 -3.96 6.76
C GLY A 205 9.55 -5.11 5.90
N THR A 206 8.29 -5.51 6.12
CA THR A 206 7.73 -6.59 5.30
C THR A 206 7.74 -6.22 3.83
N THR A 207 7.47 -4.95 3.53
CA THR A 207 7.36 -4.52 2.15
C THR A 207 8.73 -4.50 1.47
N LEU A 208 9.77 -4.06 2.20
CA LEU A 208 11.12 -4.20 1.70
C LEU A 208 11.44 -5.65 1.37
N TRP A 209 11.05 -6.57 2.25
CA TRP A 209 11.27 -7.99 1.95
C TRP A 209 10.61 -8.38 0.63
N GLU A 210 9.36 -7.96 0.42
CA GLU A 210 8.70 -8.22 -0.86
C GLU A 210 9.50 -7.66 -2.03
N ILE A 211 9.96 -6.42 -1.88
CA ILE A 211 10.69 -5.75 -2.96
C ILE A 211 11.97 -6.49 -3.30
N CYS A 212 12.63 -7.03 -2.28
CA CYS A 212 13.85 -7.78 -2.49
C CYS A 212 13.60 -9.21 -2.95
N SER A 213 12.35 -9.69 -2.91
CA SER A 213 12.05 -11.10 -3.18
C SER A 213 11.25 -11.29 -4.47
N GLY A 214 11.38 -10.39 -5.43
CA GLY A 214 10.76 -10.58 -6.73
C GLY A 214 9.26 -10.78 -6.70
N GLY A 215 8.58 -10.23 -5.69
CA GLY A 215 7.14 -10.35 -5.62
C GLY A 215 6.63 -11.56 -4.88
N ASP A 216 7.52 -12.39 -4.32
CA ASP A 216 7.09 -13.45 -3.41
C ASP A 216 6.37 -12.87 -2.21
N LYS A 217 5.47 -13.67 -1.63
CA LYS A 217 4.78 -13.27 -0.41
C LYS A 217 5.38 -14.00 0.77
N PRO A 218 5.91 -13.30 1.77
CA PRO A 218 6.55 -13.99 2.89
C PRO A 218 5.55 -14.82 3.67
N LEU A 219 5.98 -16.00 4.08
CA LEU A 219 5.19 -16.94 4.86
C LEU A 219 3.96 -17.44 4.11
N SER A 220 3.96 -17.37 2.78
CA SER A 220 2.77 -17.79 2.03
C SER A 220 2.49 -19.28 2.22
N ALA A 221 3.53 -20.08 2.47
CA ALA A 221 3.34 -21.52 2.67
C ALA A 221 2.77 -21.86 4.04
N LEU A 222 2.64 -20.88 4.93
CA LEU A 222 2.09 -21.10 6.26
C LEU A 222 0.61 -20.74 6.27
N ASP A 223 -0.22 -21.64 6.82
CA ASP A 223 -1.63 -21.31 6.99
C ASP A 223 -1.77 -20.39 8.19
N SER A 224 -3.00 -19.92 8.47
CA SER A 224 -3.18 -18.89 9.50
C SER A 224 -2.69 -19.36 10.87
N GLN A 225 -3.01 -20.60 11.26
CA GLN A 225 -2.53 -21.10 12.55
C GLN A 225 -1.01 -21.05 12.61
N ARG A 226 -0.34 -21.43 11.54
CA ARG A 226 1.12 -21.42 11.54
C ARG A 226 1.69 -20.00 11.52
N LYS A 227 1.01 -19.06 10.86
CA LYS A 227 1.47 -17.67 10.93
CA LYS A 227 1.46 -17.66 10.93
C LYS A 227 1.37 -17.12 12.35
N LEU A 228 0.27 -17.44 13.04
CA LEU A 228 0.14 -17.06 14.45
C LEU A 228 1.30 -17.61 15.27
N GLN A 229 1.58 -18.91 15.12
CA GLN A 229 2.68 -19.48 15.89
C GLN A 229 4.03 -18.85 15.51
N PHE A 230 4.18 -18.47 14.24
CA PHE A 230 5.38 -17.76 13.80
C PHE A 230 5.62 -16.54 14.68
N TYR A 231 4.57 -15.74 14.89
CA TYR A 231 4.71 -14.63 15.83
C TYR A 231 4.94 -15.11 17.27
N GLU A 232 4.22 -16.14 17.70
CA GLU A 232 4.37 -16.61 19.07
C GLU A 232 5.79 -17.07 19.36
N ASP A 233 6.47 -17.64 18.37
CA ASP A 233 7.83 -18.10 18.54
C ASP A 233 8.86 -17.02 18.22
N ARG A 234 8.40 -15.82 17.86
CA ARG A 234 9.27 -14.65 17.70
C ARG A 234 10.29 -14.88 16.57
N HIS A 235 9.85 -15.51 15.50
CA HIS A 235 10.70 -15.68 14.34
C HIS A 235 10.80 -14.37 13.54
N GLN A 236 11.85 -14.27 12.74
CA GLN A 236 12.04 -13.21 11.77
C GLN A 236 11.97 -13.82 10.38
N LEU A 237 11.77 -12.96 9.38
CA LEU A 237 11.71 -13.46 8.02
C LEU A 237 13.10 -13.89 7.59
N PRO A 238 13.20 -14.87 6.69
CA PRO A 238 14.51 -15.24 6.14
C PRO A 238 15.05 -14.11 5.28
N ALA A 239 16.37 -13.98 5.27
CA ALA A 239 16.99 -13.00 4.41
C ALA A 239 16.67 -13.32 2.96
N PRO A 240 16.27 -12.33 2.15
CA PRO A 240 16.13 -12.60 0.71
C PRO A 240 17.47 -13.00 0.10
N LYS A 241 17.40 -13.74 -1.01
CA LYS A 241 18.63 -14.14 -1.69
C LYS A 241 19.48 -12.94 -2.02
N ALA A 242 18.86 -11.89 -2.55
CA ALA A 242 19.46 -10.56 -2.66
C ALA A 242 19.34 -9.91 -1.29
N ALA A 243 20.41 -10.01 -0.49
CA ALA A 243 20.32 -9.79 0.95
C ALA A 243 20.71 -8.37 1.37
N GLU A 244 20.82 -7.45 0.41
CA GLU A 244 21.38 -6.13 0.70
C GLU A 244 20.57 -5.34 1.72
N LEU A 245 19.27 -5.63 1.86
CA LEU A 245 18.43 -4.90 2.78
C LEU A 245 17.96 -5.75 3.96
N ALA A 246 18.54 -6.94 4.12
CA ALA A 246 18.07 -7.86 5.15
C ALA A 246 18.17 -7.26 6.54
N ASN A 247 19.27 -6.57 6.84
CA ASN A 247 19.41 -6.01 8.19
C ASN A 247 18.39 -4.91 8.43
N LEU A 248 18.16 -4.06 7.44
CA LEU A 248 17.12 -3.04 7.58
C LEU A 248 15.76 -3.70 7.79
N ILE A 249 15.46 -4.72 6.99
CA ILE A 249 14.20 -5.45 7.16
C ILE A 249 14.05 -5.91 8.59
N ASN A 250 15.08 -6.57 9.13
CA ASN A 250 14.94 -7.14 10.47
C ASN A 250 14.88 -6.04 11.52
N ASN A 251 15.65 -4.95 11.35
CA ASN A 251 15.57 -3.84 12.28
C ASN A 251 14.18 -3.22 12.33
N CYS A 252 13.52 -3.09 11.17
CA CYS A 252 12.16 -2.55 11.16
C CYS A 252 11.16 -3.54 11.75
N MET A 253 11.35 -4.83 11.49
CA MET A 253 10.44 -5.84 12.01
C MET A 253 10.87 -6.24 13.43
N ASP A 254 10.86 -5.26 14.32
CA ASP A 254 11.28 -5.49 15.69
C ASP A 254 10.04 -5.82 16.49
N TYR A 255 10.07 -6.92 17.25
CA TYR A 255 8.91 -7.28 18.04
C TYR A 255 8.61 -6.25 19.12
N GLU A 256 9.56 -5.40 19.50
CA GLU A 256 9.31 -4.31 20.42
C GLU A 256 8.95 -3.05 19.62
N PRO A 257 7.68 -2.61 19.62
CA PRO A 257 7.31 -1.48 18.76
C PRO A 257 8.10 -0.22 19.03
N ASP A 258 8.40 0.03 20.30
CA ASP A 258 9.15 1.23 20.69
C ASP A 258 10.57 1.22 20.18
N HIS A 259 11.08 0.08 19.72
CA HIS A 259 12.45 0.02 19.27
C HIS A 259 12.59 0.15 17.76
N ARG A 260 11.49 0.21 17.02
CA ARG A 260 11.59 0.31 15.58
C ARG A 260 12.15 1.68 15.22
N PRO A 261 13.06 1.76 14.25
CA PRO A 261 13.75 3.02 13.97
C PRO A 261 12.82 4.05 13.34
N SER A 262 13.13 5.33 13.57
CA SER A 262 12.38 6.39 12.92
C SER A 262 12.58 6.28 11.41
N PHE A 263 11.65 6.85 10.64
CA PHE A 263 11.86 6.86 9.20
C PHE A 263 13.01 7.79 8.80
N ARG A 264 13.29 8.81 9.61
CA ARG A 264 14.51 9.59 9.36
C ARG A 264 15.75 8.70 9.43
N ALA A 265 15.81 7.83 10.45
CA ALA A 265 16.94 6.92 10.61
C ALA A 265 16.96 5.87 9.51
N ILE A 266 15.78 5.39 9.11
CA ILE A 266 15.69 4.46 7.99
C ILE A 266 16.26 5.11 6.73
N ILE A 267 15.91 6.37 6.49
CA ILE A 267 16.42 7.02 5.29
C ILE A 267 17.92 7.21 5.39
N ARG A 268 18.43 7.57 6.57
CA ARG A 268 19.89 7.66 6.71
C ARG A 268 20.55 6.32 6.40
N ASP A 269 19.97 5.21 6.89
CA ASP A 269 20.49 3.88 6.59
C ASP A 269 20.48 3.59 5.09
N LEU A 270 19.35 3.87 4.42
CA LEU A 270 19.28 3.60 2.99
C LEU A 270 20.32 4.42 2.22
N ASN A 271 20.53 5.66 2.63
CA ASN A 271 21.48 6.52 1.94
C ASN A 271 22.92 6.06 2.14
N SER A 272 23.20 5.28 3.19
CA SER A 272 24.54 4.78 3.43
C SER A 272 24.91 3.58 2.55
N LEU A 273 23.97 3.04 1.78
CA LEU A 273 24.28 1.90 0.93
C LEU A 273 24.65 2.33 -0.49
C1 GOL B . -1.28 -7.14 3.63
O1 GOL B . -2.49 -6.45 3.82
C2 GOL B . -1.47 -8.15 2.53
O2 GOL B . -2.82 -8.11 2.13
C3 GOL B . -0.59 -7.71 1.35
O3 GOL B . -0.59 -8.66 0.32
C1 GOL C . -26.42 1.64 0.01
O1 GOL C . -25.22 0.92 -0.16
C2 GOL C . -26.18 3.11 -0.29
O2 GOL C . -26.02 3.83 0.91
C3 GOL C . -24.91 3.26 -1.11
O3 GOL C . -24.90 4.53 -1.71
C1 GOL D . 6.66 11.29 -11.75
O1 GOL D . 6.87 11.18 -13.14
C2 GOL D . 6.06 12.65 -11.38
O2 GOL D . 6.02 13.46 -12.53
C3 GOL D . 6.94 13.32 -10.33
O3 GOL D . 6.20 14.35 -9.70
C1 GOL E . -18.85 -3.01 -13.06
O1 GOL E . -18.34 -4.18 -13.67
C2 GOL E . -19.38 -3.31 -11.67
O2 GOL E . -20.73 -3.70 -11.70
C3 GOL E . -19.25 -2.06 -10.79
O3 GOL E . -19.98 -2.28 -9.60
C8 2HB F . -5.02 -3.54 -6.37
C5 2HB F . -5.48 -7.10 -6.79
C2 2HB F . -2.51 -6.86 -7.51
C4 2HB F . -4.83 -8.20 -7.67
C1 2HB F . -3.25 -5.79 -6.68
C7 2HB F . -5.19 -5.05 -5.99
C9 2HB F . -4.35 -2.65 -5.52
C10 2HB F . -4.21 -1.30 -5.87
C11 2HB F . -4.75 -0.83 -7.06
C12 2HB F . -5.42 -1.71 -7.92
C13 2HB F . -5.56 -3.07 -7.56
C14 2HB F . -4.62 0.65 -7.45
C15 2HB F . -4.95 1.62 -6.51
C16 2HB F . -4.88 2.97 -6.82
C17 2HB F . -4.48 3.35 -8.08
C18 2HB F . -4.16 2.34 -9.03
C21 2HB F . -3.59 1.17 -10.79
C24 2HB F . -3.14 -0.43 -12.71
C26 2HB F . -2.52 -0.51 -14.10
C27 2HB F . -3.12 -1.54 -15.06
C28 2HB F . -1.78 -1.82 -14.36
O30 2HB F . -2.72 -9.02 -8.78
S3 2HB F . -3.20 -8.35 -7.55
O29 2HB F . -2.88 -9.02 -6.27
N6 2HB F . -4.77 -5.74 -6.81
N19 2HB F . -4.24 1.04 -8.71
N20 2HB F . -3.86 0.28 -9.82
N23 2HB F . -3.11 0.89 -12.11
O25 2HB F . -3.62 -1.35 -12.13
N22 2HB F . -3.74 2.43 -10.32
C ACT G . -11.35 14.55 -3.07
O ACT G . -11.06 14.64 -4.27
OXT ACT G . -12.57 14.60 -2.80
CH3 ACT G . -10.30 14.41 -2.00
S DMS H . 21.84 -11.44 7.08
O DMS H . 20.41 -11.24 7.50
C1 DMS H . 21.95 -12.70 5.77
C2 DMS H . 22.45 -9.99 6.19
#